data_5BY5
#
_entry.id   5BY5
#
_cell.length_a   72.710
_cell.length_b   72.710
_cell.length_c   52.330
_cell.angle_alpha   90.00
_cell.angle_beta   90.00
_cell.angle_gamma   120.00
#
_symmetry.space_group_name_H-M   'P 32 2 1'
#
loop_
_entity.id
_entity.type
_entity.pdbx_description
1 polymer 'L-ectoine synthase'
2 non-polymer S-1,2-PROPANEDIOL
3 water water
#
_entity_poly.entity_id   1
_entity_poly.type   'polypeptide(L)'
_entity_poly.pdbx_seq_one_letter_code
;MIVRNLGDIRKTDRNVRSDGWASARMLLKDDGMGFSFHVTTLFAGSELRMHYQNHLEAVLVLKGTGTIEDLATGEVHALR
PGVMYALDDHDRHIVRPETDILTACVFNPPVTGREVHDESGAYPADPELAREPVAADNWSHPQFEK
;
_entity_poly.pdbx_strand_id   A
#
# COMPACT_ATOMS: atom_id res chain seq x y z
N MET A 1 18.80 -16.16 -2.29
CA MET A 1 17.77 -15.65 -1.35
C MET A 1 18.00 -14.18 -1.15
N ILE A 2 16.93 -13.40 -0.99
CA ILE A 2 16.97 -12.02 -0.50
C ILE A 2 16.54 -12.02 0.96
N VAL A 3 17.24 -11.27 1.80
CA VAL A 3 16.81 -11.01 3.17
C VAL A 3 17.05 -9.56 3.47
N ARG A 4 16.03 -8.78 3.80
CA ARG A 4 16.14 -7.33 4.00
C ARG A 4 15.24 -6.92 5.12
N ASN A 5 15.61 -5.82 5.73
N ASN A 5 15.49 -5.77 5.68
CA ASN A 5 14.96 -5.27 6.94
CA ASN A 5 14.69 -5.35 6.80
C ASN A 5 14.21 -3.96 6.53
C ASN A 5 14.25 -3.93 6.66
N LEU A 6 13.00 -3.78 7.06
CA LEU A 6 12.25 -2.54 6.89
C LEU A 6 13.01 -1.33 7.39
N GLY A 7 13.66 -1.44 8.53
CA GLY A 7 14.37 -0.30 9.06
C GLY A 7 15.49 0.17 8.17
N ASP A 8 16.19 -0.75 7.52
CA ASP A 8 17.21 -0.37 6.56
C ASP A 8 16.62 0.29 5.34
N ILE A 9 15.58 -0.30 4.77
CA ILE A 9 14.97 0.25 3.57
C ILE A 9 14.40 1.64 3.80
N ARG A 10 13.87 1.86 5.00
CA ARG A 10 13.29 3.15 5.35
C ARG A 10 14.29 4.29 5.30
N LYS A 11 15.57 3.98 5.39
N LYS A 11 15.60 4.03 5.37
CA LYS A 11 16.61 4.97 5.37
CA LYS A 11 16.63 5.07 5.30
C LYS A 11 17.14 5.24 3.98
C LYS A 11 16.94 5.51 3.88
N THR A 12 16.45 4.78 2.92
CA THR A 12 16.92 4.84 1.55
C THR A 12 15.88 5.46 0.62
N ASP A 13 16.24 5.65 -0.65
CA ASP A 13 15.35 6.16 -1.67
C ASP A 13 14.27 5.21 -2.07
N ARG A 14 14.32 3.96 -1.59
CA ARG A 14 13.21 3.05 -1.69
C ARG A 14 12.07 3.41 -0.75
N ASN A 15 12.30 4.33 0.18
CA ASN A 15 11.24 4.87 1.01
C ASN A 15 10.77 6.18 0.43
N VAL A 16 9.53 6.21 -0.01
CA VAL A 16 8.97 7.36 -0.67
C VAL A 16 7.82 7.93 0.19
N ARG A 17 7.59 9.23 0.05
CA ARG A 17 6.55 9.92 0.78
C ARG A 17 5.73 10.69 -0.24
N SER A 18 4.43 10.77 -0.01
CA SER A 18 3.60 11.62 -0.80
C SER A 18 2.60 12.24 0.16
N ASP A 19 1.59 12.86 -0.44
CA ASP A 19 0.49 13.43 0.30
C ASP A 19 -0.40 12.33 0.86
N GLY A 20 -0.25 12.16 2.16
CA GLY A 20 -1.04 11.28 2.90
C GLY A 20 -0.54 9.86 3.15
N TRP A 21 0.66 9.57 2.67
CA TRP A 21 1.19 8.20 2.83
C TRP A 21 2.71 8.19 2.60
N ALA A 22 3.31 7.13 3.08
CA ALA A 22 4.71 6.86 2.86
C ALA A 22 4.84 5.37 2.64
N SER A 23 5.84 4.95 1.89
CA SER A 23 5.99 3.51 1.58
C SER A 23 7.43 3.11 1.45
N ALA A 24 7.77 2.02 2.13
CA ALA A 24 9.05 1.37 2.01
C ALA A 24 8.91 0.22 1.01
N ARG A 25 9.58 0.34 -0.12
N ARG A 25 9.59 0.34 -0.13
CA ARG A 25 9.49 -0.62 -1.22
CA ARG A 25 9.50 -0.59 -1.28
C ARG A 25 10.59 -1.68 -0.94
C ARG A 25 10.50 -1.68 -1.17
N MET A 26 10.12 -2.81 -0.42
N MET A 26 10.15 -2.77 -0.50
CA MET A 26 10.96 -3.96 -0.13
CA MET A 26 11.10 -3.83 -0.20
C MET A 26 11.41 -4.69 -1.40
C MET A 26 11.42 -4.78 -1.36
N LEU A 27 10.45 -4.94 -2.27
CA LEU A 27 10.64 -5.54 -3.58
C LEU A 27 10.01 -4.62 -4.62
N LEU A 28 10.75 -4.38 -5.71
CA LEU A 28 10.32 -3.64 -6.88
C LEU A 28 10.57 -4.52 -8.11
N LYS A 29 10.17 -4.03 -9.27
CA LYS A 29 10.30 -4.86 -10.48
C LYS A 29 11.72 -5.40 -10.65
N ASP A 30 12.73 -4.59 -10.40
CA ASP A 30 14.13 -4.99 -10.62
C ASP A 30 14.61 -6.07 -9.68
N ASP A 31 13.87 -6.39 -8.63
CA ASP A 31 14.13 -7.56 -7.81
C ASP A 31 13.69 -8.86 -8.45
N GLY A 32 12.94 -8.80 -9.55
CA GLY A 32 12.70 -9.97 -10.35
C GLY A 32 11.64 -10.94 -9.92
N MET A 33 10.85 -10.63 -8.89
CA MET A 33 9.86 -11.55 -8.37
C MET A 33 8.56 -11.59 -9.14
N GLY A 34 8.34 -10.58 -10.00
CA GLY A 34 7.09 -10.51 -10.76
C GLY A 34 5.94 -9.86 -10.00
N PHE A 35 6.24 -9.32 -8.83
CA PHE A 35 5.33 -8.49 -8.03
C PHE A 35 6.22 -7.59 -7.20
N SER A 36 5.65 -6.48 -6.74
CA SER A 36 6.32 -5.61 -5.79
C SER A 36 5.69 -5.75 -4.42
N PHE A 37 6.44 -5.46 -3.36
CA PHE A 37 6.02 -5.72 -1.99
C PHE A 37 6.45 -4.57 -1.14
N HIS A 38 5.49 -3.88 -0.56
CA HIS A 38 5.69 -2.59 0.09
C HIS A 38 5.16 -2.64 1.52
N VAL A 39 5.77 -1.86 2.37
CA VAL A 39 5.22 -1.62 3.72
C VAL A 39 4.82 -0.14 3.70
N THR A 40 3.53 0.13 3.68
CA THR A 40 2.98 1.43 3.44
C THR A 40 2.24 1.95 4.63
N THR A 41 2.52 3.19 4.99
CA THR A 41 1.82 3.88 6.09
C THR A 41 0.86 4.89 5.46
N LEU A 42 -0.40 4.80 5.87
CA LEU A 42 -1.47 5.70 5.41
C LEU A 42 -1.78 6.64 6.57
N PHE A 43 -1.64 7.96 6.40
CA PHE A 43 -1.69 8.86 7.52
C PHE A 43 -3.11 9.17 7.97
N ALA A 44 -3.28 9.26 9.28
CA ALA A 44 -4.53 9.70 9.88
C ALA A 44 -5.08 10.91 9.20
N GLY A 45 -6.36 10.87 8.89
CA GLY A 45 -7.02 12.02 8.31
C GLY A 45 -6.92 12.17 6.81
N SER A 46 -6.16 11.34 6.14
CA SER A 46 -6.08 11.40 4.69
C SER A 46 -7.33 10.80 4.06
N GLU A 47 -7.56 11.13 2.80
CA GLU A 47 -8.65 10.54 2.02
C GLU A 47 -8.02 10.10 0.72
N LEU A 48 -7.64 8.85 0.61
CA LEU A 48 -6.74 8.37 -0.43
C LEU A 48 -7.49 7.60 -1.50
N ARG A 49 -7.24 7.96 -2.76
CA ARG A 49 -7.90 7.34 -3.91
C ARG A 49 -6.94 6.88 -4.98
N MET A 50 -5.68 6.78 -4.67
CA MET A 50 -4.72 6.53 -5.73
C MET A 50 -4.79 5.12 -6.13
N HIS A 51 -4.60 4.91 -7.41
CA HIS A 51 -4.33 3.59 -7.86
C HIS A 51 -3.42 3.69 -9.09
N TYR A 52 -2.34 2.93 -9.03
CA TYR A 52 -1.46 2.73 -10.16
C TYR A 52 -2.19 2.03 -11.32
N GLN A 53 -2.40 2.73 -12.44
CA GLN A 53 -3.21 2.19 -13.56
C GLN A 53 -2.44 0.97 -14.15
N ASN A 54 -3.20 0.00 -14.67
CA ASN A 54 -2.69 -1.27 -15.17
C ASN A 54 -2.00 -2.15 -14.16
N HIS A 55 -2.42 -2.01 -12.92
CA HIS A 55 -1.93 -2.86 -11.87
C HIS A 55 -3.12 -3.37 -11.02
N LEU A 56 -2.85 -4.49 -10.43
CA LEU A 56 -3.65 -5.11 -9.38
C LEU A 56 -2.92 -4.86 -8.05
N GLU A 57 -3.65 -4.63 -6.98
CA GLU A 57 -3.06 -4.38 -5.67
C GLU A 57 -3.81 -5.15 -4.60
N ALA A 58 -3.08 -5.80 -3.71
CA ALA A 58 -3.63 -6.35 -2.47
C ALA A 58 -2.98 -5.64 -1.30
N VAL A 59 -3.77 -5.40 -0.27
CA VAL A 59 -3.36 -4.66 0.91
C VAL A 59 -3.81 -5.36 2.16
N LEU A 60 -2.87 -5.71 3.04
CA LEU A 60 -3.18 -6.29 4.33
C LEU A 60 -2.93 -5.25 5.41
N VAL A 61 -3.95 -4.96 6.23
CA VAL A 61 -3.80 -4.05 7.34
C VAL A 61 -3.09 -4.72 8.48
N LEU A 62 -1.99 -4.10 8.94
CA LEU A 62 -1.17 -4.61 10.02
C LEU A 62 -1.48 -3.92 11.33
N LYS A 63 -1.76 -2.62 11.30
N LYS A 63 -1.66 -2.61 11.29
CA LYS A 63 -1.94 -1.84 12.52
CA LYS A 63 -1.89 -1.79 12.49
C LYS A 63 -2.76 -0.60 12.16
C LYS A 63 -2.87 -0.68 12.08
N GLY A 64 -3.67 -0.23 13.04
CA GLY A 64 -4.50 0.94 12.88
C GLY A 64 -5.90 0.67 12.40
N THR A 65 -6.71 1.73 12.39
CA THR A 65 -8.12 1.64 12.03
C THR A 65 -8.47 2.76 11.06
N GLY A 66 -9.53 2.51 10.30
CA GLY A 66 -10.12 3.46 9.35
C GLY A 66 -11.16 2.77 8.54
N THR A 67 -11.42 3.29 7.35
CA THR A 67 -12.42 2.73 6.46
C THR A 67 -11.89 2.67 5.03
N ILE A 68 -12.48 1.77 4.25
CA ILE A 68 -12.39 1.82 2.79
C ILE A 68 -13.82 1.78 2.25
N GLU A 69 -14.15 2.79 1.45
CA GLU A 69 -15.47 2.92 0.87
C GLU A 69 -15.40 2.57 -0.59
N ASP A 70 -16.33 1.71 -1.01
CA ASP A 70 -16.46 1.31 -2.39
C ASP A 70 -17.53 2.15 -3.07
N LEU A 71 -17.10 3.05 -3.93
CA LEU A 71 -18.05 3.97 -4.57
C LEU A 71 -18.95 3.27 -5.60
N ALA A 72 -18.63 2.07 -6.02
CA ALA A 72 -19.51 1.33 -6.93
C ALA A 72 -20.74 0.79 -6.21
N THR A 73 -20.66 0.56 -4.92
CA THR A 73 -21.73 -0.05 -4.16
C THR A 73 -22.22 0.72 -2.96
N GLY A 74 -21.47 1.69 -2.52
CA GLY A 74 -21.74 2.40 -1.26
C GLY A 74 -21.38 1.63 -0.01
N GLU A 75 -20.70 0.52 -0.15
CA GLU A 75 -20.29 -0.21 1.01
C GLU A 75 -19.12 0.50 1.69
N VAL A 76 -19.20 0.60 3.01
CA VAL A 76 -18.15 1.14 3.84
C VAL A 76 -17.59 0.03 4.67
N HIS A 77 -16.35 -0.33 4.42
CA HIS A 77 -15.74 -1.46 5.09
C HIS A 77 -14.79 -0.96 6.18
N ALA A 78 -14.81 -1.64 7.32
CA ALA A 78 -13.89 -1.36 8.40
C ALA A 78 -12.49 -1.83 8.01
N LEU A 79 -11.49 -0.97 8.26
CA LEU A 79 -10.09 -1.35 8.24
C LEU A 79 -9.62 -1.48 9.67
N ARG A 80 -8.99 -2.61 9.97
CA ARG A 80 -8.38 -2.92 11.27
C ARG A 80 -7.39 -4.04 11.00
N PRO A 81 -6.54 -4.35 11.95
CA PRO A 81 -5.56 -5.41 11.70
C PRO A 81 -6.24 -6.70 11.29
N GLY A 82 -5.71 -7.28 10.21
CA GLY A 82 -6.21 -8.50 9.64
C GLY A 82 -7.18 -8.35 8.48
N VAL A 83 -7.60 -7.13 8.17
CA VAL A 83 -8.42 -6.90 6.99
C VAL A 83 -7.51 -6.79 5.79
N MET A 84 -7.91 -7.44 4.72
CA MET A 84 -7.23 -7.40 3.43
C MET A 84 -8.19 -6.88 2.37
N TYR A 85 -7.75 -5.95 1.55
CA TYR A 85 -8.55 -5.58 0.39
C TYR A 85 -7.72 -5.75 -0.86
N ALA A 86 -8.40 -5.91 -1.99
CA ALA A 86 -7.76 -6.09 -3.27
C ALA A 86 -8.51 -5.24 -4.30
N LEU A 87 -7.73 -4.58 -5.15
CA LEU A 87 -8.20 -3.57 -6.07
C LEU A 87 -7.66 -3.80 -7.48
N ASP A 88 -8.48 -3.42 -8.46
CA ASP A 88 -8.08 -3.27 -9.85
C ASP A 88 -8.39 -1.88 -10.34
N ASP A 89 -8.10 -1.70 -11.62
N ASP A 89 -8.08 -1.60 -11.59
CA ASP A 89 -8.25 -0.40 -12.28
CA ASP A 89 -8.24 -0.23 -12.05
C ASP A 89 -9.69 0.10 -12.28
C ASP A 89 -9.70 0.10 -12.45
N HIS A 90 -10.64 -0.83 -12.26
CA HIS A 90 -12.06 -0.50 -12.36
C HIS A 90 -12.64 -0.14 -11.02
N ASP A 91 -11.94 -0.41 -9.92
CA ASP A 91 -12.46 -0.05 -8.60
C ASP A 91 -12.45 1.43 -8.39
N ARG A 92 -13.42 1.92 -7.69
CA ARG A 92 -13.54 3.30 -7.31
C ARG A 92 -13.64 3.30 -5.82
N HIS A 93 -12.63 3.76 -5.13
CA HIS A 93 -12.48 3.56 -3.68
C HIS A 93 -11.91 4.78 -3.04
N ILE A 94 -12.16 4.89 -1.74
CA ILE A 94 -11.57 5.90 -0.91
C ILE A 94 -11.16 5.26 0.39
N VAL A 95 -9.87 5.36 0.76
CA VAL A 95 -9.35 4.87 1.98
C VAL A 95 -9.18 6.05 2.92
N ARG A 96 -9.76 5.96 4.12
CA ARG A 96 -9.76 7.06 5.08
C ARG A 96 -9.23 6.55 6.41
N PRO A 97 -7.94 6.74 6.68
CA PRO A 97 -7.38 6.29 7.97
C PRO A 97 -7.94 7.11 9.12
N GLU A 98 -8.37 6.47 10.17
CA GLU A 98 -8.74 7.12 11.42
C GLU A 98 -7.48 7.44 12.23
N THR A 99 -6.75 6.37 12.58
CA THR A 99 -5.39 6.46 13.05
C THR A 99 -4.50 6.36 11.82
N ASP A 100 -3.17 6.49 12.01
CA ASP A 100 -2.28 6.00 10.96
C ASP A 100 -2.55 4.48 10.79
N ILE A 101 -2.41 4.03 9.56
CA ILE A 101 -2.59 2.60 9.24
C ILE A 101 -1.29 2.09 8.63
N LEU A 102 -0.81 1.00 9.12
CA LEU A 102 0.34 0.31 8.54
C LEU A 102 -0.16 -0.87 7.74
N THR A 103 0.36 -1.02 6.53
CA THR A 103 -0.08 -2.05 5.62
C THR A 103 1.10 -2.76 4.95
N ALA A 104 0.84 -4.01 4.53
CA ALA A 104 1.68 -4.76 3.61
C ALA A 104 0.95 -4.83 2.28
N CYS A 105 1.58 -4.36 1.20
CA CYS A 105 0.92 -4.18 -0.08
C CYS A 105 1.68 -4.95 -1.15
N VAL A 106 0.93 -5.53 -2.08
CA VAL A 106 1.47 -6.29 -3.19
C VAL A 106 0.87 -5.72 -4.47
N PHE A 107 1.73 -5.47 -5.46
CA PHE A 107 1.30 -5.02 -6.78
C PHE A 107 1.74 -6.02 -7.83
N ASN A 108 0.82 -6.28 -8.78
CA ASN A 108 1.08 -7.09 -9.95
C ASN A 108 0.49 -6.39 -11.16
N PRO A 109 1.29 -6.05 -12.17
CA PRO A 109 2.73 -6.20 -12.24
C PRO A 109 3.42 -5.36 -11.19
N PRO A 110 4.71 -5.60 -10.98
CA PRO A 110 5.42 -4.86 -9.95
C PRO A 110 5.56 -3.37 -10.25
N VAL A 111 5.47 -2.55 -9.23
CA VAL A 111 5.86 -1.17 -9.28
C VAL A 111 7.37 -1.14 -9.56
N THR A 112 7.79 -0.14 -10.33
CA THR A 112 9.19 0.01 -10.74
C THR A 112 9.96 0.93 -9.81
N GLY A 113 9.26 1.88 -9.21
CA GLY A 113 9.95 2.93 -8.43
C GLY A 113 10.33 4.14 -9.24
N ARG A 114 10.13 4.07 -10.55
CA ARG A 114 10.32 5.22 -11.44
C ARG A 114 9.01 5.93 -11.80
N GLU A 115 7.90 5.52 -11.16
CA GLU A 115 6.55 6.10 -11.28
C GLU A 115 5.70 5.22 -12.17
#